data_1RC1
#
_entry.id   1RC1
#
_cell.length_a   126.664
_cell.length_b   126.664
_cell.length_c   93.680
_cell.angle_alpha   90.00
_cell.angle_beta   90.00
_cell.angle_gamma   120.00
#
_symmetry.space_group_name_H-M   'P 31 2 1'
#
loop_
_entity.id
_entity.type
_entity.pdbx_description
1 polymer 'PHOSPHORIBOSYLGLYCINAMIDE FORMYLTRANSFERASE'
2 non-polymer 'PHOSPHATE ION'
3 non-polymer 'N-{4-4-(2,4-DIAMINO-6-OXO-1,6-DIHYDRO-PYRIMIDIN-5-YL)-1-(2,2,2-TRIFLUORO-1,1-DIHYDROXY-ETHYL)-BUT-2-YL-BENZOYL}-GAMMA-GLUTAMYL-GAMMA-GLUTAMYL-GLUTAMIC ACID'
4 water water
#
_entity_poly.entity_id   1
_entity_poly.type   'polypeptide(L)'
_entity_poly.pdbx_seq_one_letter_code
;ARVAVLISGTGSNLQALIDSTREPNSSAQIDIVISNKAAVAGLDKAERAGIPTRVINHKLYKNRVEFDSAIDLVLEEFSI
DIVCLAGFMRILSGPFVQKWNGKMLNIHPSLLPSFKGSNAHEQALETGVTVTGCTVHFVAEDVDAGQIILQEAVPVKRGD
TVATLSERVKLAEHKIFPAALQLVASGTVQLGENGKICWVKEEHHHHHH
;
_entity_poly.pdbx_strand_id   A,B
#
# COMPACT_ATOMS: atom_id res chain seq x y z
N ALA A 1 19.11 15.44 -22.11
CA ALA A 1 18.79 14.05 -21.72
C ALA A 1 17.30 13.80 -21.89
N ARG A 2 16.97 12.66 -22.51
CA ARG A 2 15.59 12.20 -22.63
C ARG A 2 15.21 11.43 -21.36
N VAL A 3 14.11 11.82 -20.71
CA VAL A 3 13.72 11.31 -19.40
C VAL A 3 12.38 10.54 -19.43
N ALA A 4 12.37 9.39 -18.76
CA ALA A 4 11.14 8.67 -18.40
C ALA A 4 10.83 8.91 -16.92
N VAL A 5 9.55 9.08 -16.62
CA VAL A 5 9.08 9.15 -15.23
C VAL A 5 8.11 8.01 -14.99
N LEU A 6 8.43 7.15 -14.02
CA LEU A 6 7.52 6.08 -13.62
C LEU A 6 6.74 6.52 -12.39
N ILE A 7 5.43 6.21 -12.44
CA ILE A 7 4.49 6.62 -11.41
C ILE A 7 3.58 5.46 -11.03
N SER A 8 2.93 5.58 -9.86
CA SER A 8 1.87 4.63 -9.46
C SER A 8 0.66 5.37 -8.90
N GLY A 9 0.70 6.71 -8.85
CA GLY A 9 -0.35 7.46 -8.18
C GLY A 9 -0.70 8.85 -8.70
N THR A 10 -0.84 9.80 -7.76
CA THR A 10 -1.40 11.12 -8.05
C THR A 10 -0.53 11.94 -9.00
N GLY A 11 0.79 11.86 -8.83
CA GLY A 11 1.74 12.43 -9.80
C GLY A 11 2.18 13.86 -9.54
N SER A 12 2.10 14.29 -8.29
CA SER A 12 2.50 15.63 -7.92
C SER A 12 4.01 15.83 -8.13
N ASN A 13 4.82 14.82 -7.88
CA ASN A 13 6.23 14.91 -8.27
C ASN A 13 6.42 14.94 -9.78
N LEU A 14 5.63 14.14 -10.50
CA LEU A 14 5.67 14.20 -11.96
C LEU A 14 5.46 15.65 -12.41
N GLN A 15 4.42 16.29 -11.88
CA GLN A 15 4.04 17.64 -12.25
C GLN A 15 5.17 18.66 -12.09
N ALA A 16 5.88 18.59 -10.96
CA ALA A 16 6.95 19.54 -10.68
C ALA A 16 8.11 19.30 -11.65
N LEU A 17 8.31 18.04 -12.03
CA LEU A 17 9.33 17.70 -13.01
C LEU A 17 8.97 18.24 -14.40
N ILE A 18 7.69 18.12 -14.77
CA ILE A 18 7.23 18.67 -16.06
C ILE A 18 7.49 20.17 -16.10
N ASP A 19 7.05 20.86 -15.06
CA ASP A 19 7.18 22.31 -14.99
C ASP A 19 8.66 22.72 -15.10
N SER A 20 9.52 22.15 -14.26
CA SER A 20 10.93 22.51 -14.29
C SER A 20 11.67 22.16 -15.59
N THR A 21 11.38 21.01 -16.19
CA THR A 21 12.12 20.60 -17.39
C THR A 21 11.79 21.50 -18.58
N ARG A 22 10.76 22.31 -18.43
CA ARG A 22 10.31 23.18 -19.50
C ARG A 22 10.71 24.64 -19.27
N GLU A 23 11.40 24.91 -18.17
CA GLU A 23 12.06 26.21 -17.97
C GLU A 23 13.25 26.33 -18.95
N PRO A 24 13.67 27.55 -19.27
CA PRO A 24 14.55 27.74 -20.43
C PRO A 24 15.89 26.97 -20.41
N ASN A 25 16.61 26.93 -19.31
CA ASN A 25 17.95 26.34 -19.40
C ASN A 25 18.03 24.92 -18.84
N SER A 26 17.06 24.11 -19.25
CA SER A 26 16.91 22.72 -18.82
C SER A 26 17.75 21.77 -19.68
N SER A 27 18.30 20.73 -19.05
CA SER A 27 19.13 19.74 -19.75
C SER A 27 18.34 18.45 -19.92
N ALA A 28 17.08 18.50 -19.55
CA ALA A 28 16.23 17.33 -19.56
C ALA A 28 14.86 17.63 -20.18
N GLN A 29 14.29 16.60 -20.79
CA GLN A 29 12.95 16.67 -21.36
C GLN A 29 12.23 15.37 -21.01
N ILE A 30 10.97 15.46 -20.59
CA ILE A 30 10.17 14.27 -20.29
C ILE A 30 9.42 13.76 -21.53
N ASP A 31 9.82 12.56 -21.97
CA ASP A 31 9.36 12.02 -23.25
C ASP A 31 8.34 10.88 -23.10
N ILE A 32 8.27 10.32 -21.88
CA ILE A 32 7.33 9.25 -21.60
C ILE A 32 6.99 9.23 -20.12
N VAL A 33 5.77 8.82 -19.81
CA VAL A 33 5.37 8.59 -18.43
C VAL A 33 4.75 7.22 -18.39
N ILE A 34 5.27 6.36 -17.52
CA ILE A 34 4.80 4.99 -17.41
C ILE A 34 4.20 4.76 -16.02
N SER A 35 2.98 4.25 -16.00
CA SER A 35 2.37 3.83 -14.76
C SER A 35 2.21 2.32 -14.72
N ASN A 36 2.33 1.77 -13.52
CA ASN A 36 1.97 0.37 -13.30
C ASN A 36 0.50 0.21 -12.90
N LYS A 37 -0.21 1.31 -12.65
CA LYS A 37 -1.66 1.25 -12.38
C LYS A 37 -2.50 2.16 -13.30
N ALA A 38 -3.64 1.64 -13.72
CA ALA A 38 -4.60 2.37 -14.54
C ALA A 38 -5.37 3.39 -13.71
N ALA A 39 -5.85 4.45 -14.38
CA ALA A 39 -6.77 5.42 -13.79
C ALA A 39 -6.19 6.25 -12.64
N VAL A 40 -4.88 6.35 -12.56
CA VAL A 40 -4.24 7.26 -11.60
C VAL A 40 -4.12 8.66 -12.21
N ALA A 41 -4.30 9.68 -11.36
CA ALA A 41 -4.29 11.07 -11.81
C ALA A 41 -2.97 11.50 -12.47
N GLY A 42 -1.88 10.80 -12.14
CA GLY A 42 -0.58 11.12 -12.71
C GLY A 42 -0.60 10.96 -14.22
N LEU A 43 -1.41 10.02 -14.70
CA LEU A 43 -1.58 9.80 -16.15
C LEU A 43 -2.28 10.98 -16.83
N ASP A 44 -3.34 11.51 -16.21
CA ASP A 44 -4.04 12.66 -16.75
C ASP A 44 -3.10 13.89 -16.86
N LYS A 45 -2.27 14.06 -15.83
CA LYS A 45 -1.33 15.16 -15.76
C LYS A 45 -0.33 15.10 -16.94
N ALA A 46 0.13 13.88 -17.24
CA ALA A 46 1.05 13.65 -18.35
C ALA A 46 0.39 14.02 -19.67
N GLU A 47 -0.84 13.52 -19.86
CA GLU A 47 -1.57 13.76 -21.12
C GLU A 47 -1.93 15.22 -21.27
N ARG A 48 -2.30 15.87 -20.18
CA ARG A 48 -2.63 17.31 -20.21
C ARG A 48 -1.41 18.17 -20.55
N ALA A 49 -0.21 17.63 -20.28
CA ALA A 49 1.07 18.27 -20.63
C ALA A 49 1.52 17.89 -22.05
N GLY A 50 0.76 17.00 -22.70
CA GLY A 50 1.10 16.52 -24.04
C GLY A 50 2.22 15.50 -24.07
N ILE A 51 2.35 14.71 -23.00
CA ILE A 51 3.41 13.70 -22.90
C ILE A 51 2.76 12.35 -23.05
N PRO A 52 3.30 11.49 -23.91
CA PRO A 52 2.80 10.12 -24.08
C PRO A 52 2.81 9.32 -22.76
N THR A 53 1.89 8.37 -22.66
CA THR A 53 1.78 7.51 -21.49
C THR A 53 1.68 6.06 -21.88
N ARG A 54 1.97 5.19 -20.93
CA ARG A 54 1.78 3.75 -21.07
C ARG A 54 1.42 3.21 -19.69
N VAL A 55 0.44 2.33 -19.66
CA VAL A 55 0.16 1.56 -18.47
C VAL A 55 0.70 0.17 -18.68
N ILE A 56 1.64 -0.24 -17.81
CA ILE A 56 2.16 -1.59 -17.81
C ILE A 56 1.75 -2.20 -16.48
N ASN A 57 0.66 -2.96 -16.53
CA ASN A 57 0.06 -3.50 -15.32
C ASN A 57 0.91 -4.66 -14.80
N HIS A 58 1.62 -4.42 -13.69
CA HIS A 58 2.53 -5.40 -13.10
C HIS A 58 1.86 -6.74 -12.78
N LYS A 59 0.54 -6.72 -12.54
CA LYS A 59 -0.19 -7.96 -12.22
C LYS A 59 -0.39 -8.90 -13.41
N LEU A 60 -0.01 -8.46 -14.62
CA LEU A 60 -0.12 -9.29 -15.83
C LEU A 60 1.14 -10.09 -16.15
N TYR A 61 2.14 -10.01 -15.27
CA TYR A 61 3.41 -10.70 -15.48
C TYR A 61 3.69 -11.66 -14.33
N LYS A 62 4.32 -12.78 -14.64
CA LYS A 62 4.51 -13.85 -13.66
C LYS A 62 5.56 -13.53 -12.60
N ASN A 63 6.51 -12.67 -12.94
CA ASN A 63 7.52 -12.25 -11.97
C ASN A 63 8.02 -10.84 -12.26
N ARG A 64 8.96 -10.38 -11.44
CA ARG A 64 9.50 -9.02 -11.53
C ARG A 64 10.31 -8.78 -12.80
N VAL A 65 11.16 -9.75 -13.14
CA VAL A 65 12.09 -9.61 -14.26
C VAL A 65 11.32 -9.31 -15.56
N GLU A 66 10.23 -10.04 -15.76
CA GLU A 66 9.40 -9.91 -16.95
C GLU A 66 8.62 -8.60 -16.99
N PHE A 67 8.11 -8.16 -15.84
CA PHE A 67 7.47 -6.86 -15.76
C PHE A 67 8.48 -5.77 -16.10
N ASP A 68 9.67 -5.84 -15.48
CA ASP A 68 10.77 -4.89 -15.73
C ASP A 68 11.23 -4.90 -17.20
N SER A 69 11.26 -6.06 -17.83
CA SER A 69 11.62 -6.13 -19.26
C SER A 69 10.61 -5.38 -20.14
N ALA A 70 9.31 -5.58 -19.90
CA ALA A 70 8.29 -4.79 -20.58
C ALA A 70 8.52 -3.28 -20.42
N ILE A 71 8.88 -2.84 -19.22
CA ILE A 71 9.22 -1.44 -18.98
C ILE A 71 10.44 -1.03 -19.82
N ASP A 72 11.48 -1.83 -19.78
CA ASP A 72 12.69 -1.54 -20.54
C ASP A 72 12.46 -1.43 -22.07
N LEU A 73 11.51 -2.21 -22.60
CA LEU A 73 11.19 -2.17 -24.03
C LEU A 73 10.66 -0.78 -24.38
N VAL A 74 9.79 -0.24 -23.52
CA VAL A 74 9.26 1.10 -23.73
C VAL A 74 10.37 2.14 -23.59
N LEU A 75 11.25 1.97 -22.63
CA LEU A 75 12.40 2.88 -22.46
C LEU A 75 13.30 2.92 -23.71
N GLU A 76 13.58 1.76 -24.30
CA GLU A 76 14.37 1.69 -25.54
C GLU A 76 13.57 2.26 -26.73
N GLU A 77 12.29 1.91 -26.80
CA GLU A 77 11.34 2.49 -27.75
C GLU A 77 11.42 4.00 -27.78
N PHE A 78 11.63 4.60 -26.61
CA PHE A 78 11.62 6.06 -26.48
C PHE A 78 13.01 6.66 -26.34
N SER A 79 14.02 5.81 -26.41
CA SER A 79 15.41 6.26 -26.42
C SER A 79 15.73 7.06 -25.15
N ILE A 80 15.37 6.50 -24.00
CA ILE A 80 15.48 7.20 -22.71
C ILE A 80 16.91 7.17 -22.16
N ASP A 81 17.39 8.33 -21.70
CA ASP A 81 18.71 8.44 -21.05
C ASP A 81 18.62 8.29 -19.53
N ILE A 82 17.56 8.85 -18.95
CA ILE A 82 17.39 8.91 -17.51
C ILE A 82 15.97 8.51 -17.10
N VAL A 83 15.89 7.70 -16.05
CA VAL A 83 14.60 7.30 -15.49
C VAL A 83 14.43 7.96 -14.13
N CYS A 84 13.26 8.55 -13.91
CA CYS A 84 12.88 9.11 -12.62
C CYS A 84 11.72 8.33 -12.05
N LEU A 85 11.90 7.83 -10.82
CA LEU A 85 10.84 7.19 -10.07
C LEU A 85 10.15 8.21 -9.18
N ALA A 86 8.90 8.49 -9.49
CA ALA A 86 8.18 9.56 -8.80
C ALA A 86 6.87 9.05 -8.22
N GLY A 87 6.94 8.50 -7.01
CA GLY A 87 5.79 7.82 -6.44
C GLY A 87 5.51 6.46 -7.05
N PHE A 88 6.52 5.88 -7.69
CA PHE A 88 6.46 4.53 -8.27
C PHE A 88 6.62 3.52 -7.14
N MET A 89 5.74 2.53 -7.11
CA MET A 89 5.60 1.66 -5.93
C MET A 89 6.05 0.21 -6.08
N ARG A 90 6.74 -0.11 -7.18
CA ARG A 90 7.30 -1.45 -7.40
C ARG A 90 8.81 -1.50 -7.21
N ILE A 91 9.27 -2.41 -6.36
CA ILE A 91 10.69 -2.71 -6.25
C ILE A 91 11.14 -3.32 -7.58
N LEU A 92 12.23 -2.80 -8.13
CA LEU A 92 12.75 -3.29 -9.42
C LEU A 92 13.85 -4.33 -9.24
N SER A 93 13.88 -5.30 -10.16
CA SER A 93 14.81 -6.43 -10.12
C SER A 93 16.25 -5.98 -10.34
N GLY A 94 17.18 -6.81 -9.87
CA GLY A 94 18.60 -6.63 -10.06
C GLY A 94 19.04 -6.26 -11.46
N PRO A 95 18.71 -7.07 -12.47
CA PRO A 95 19.13 -6.78 -13.85
C PRO A 95 18.64 -5.43 -14.41
N PHE A 96 17.38 -5.06 -14.16
CA PHE A 96 16.90 -3.73 -14.53
C PHE A 96 17.71 -2.62 -13.86
N VAL A 97 17.92 -2.76 -12.55
CA VAL A 97 18.63 -1.78 -11.74
C VAL A 97 20.08 -1.68 -12.18
N GLN A 98 20.71 -2.83 -12.43
CA GLN A 98 22.07 -2.88 -12.94
C GLN A 98 22.18 -2.17 -14.29
N LYS A 99 21.28 -2.48 -15.22
CA LYS A 99 21.30 -1.81 -16.52
C LYS A 99 21.17 -0.29 -16.39
N TRP A 100 20.26 0.16 -15.53
CA TRP A 100 20.00 1.58 -15.37
C TRP A 100 20.87 2.29 -14.32
N ASN A 101 21.89 1.59 -13.82
CA ASN A 101 22.82 2.12 -12.80
C ASN A 101 23.41 3.47 -13.17
N GLY A 102 23.21 4.47 -12.31
CA GLY A 102 23.74 5.81 -12.56
C GLY A 102 22.85 6.65 -13.47
N LYS A 103 21.69 6.10 -13.85
CA LYS A 103 20.78 6.78 -14.75
C LYS A 103 19.34 6.73 -14.24
N MET A 104 19.15 6.26 -12.99
CA MET A 104 17.83 6.19 -12.39
C MET A 104 17.78 6.83 -11.00
N LEU A 105 16.89 7.80 -10.84
CA LEU A 105 16.73 8.56 -9.60
C LEU A 105 15.41 8.22 -8.93
N ASN A 106 15.40 8.25 -7.60
CA ASN A 106 14.15 8.12 -6.84
C ASN A 106 13.99 9.24 -5.81
N ILE A 107 12.74 9.62 -5.56
CA ILE A 107 12.42 10.57 -4.50
C ILE A 107 11.83 9.78 -3.34
N HIS A 108 12.40 9.96 -2.15
CA HIS A 108 11.93 9.23 -0.98
C HIS A 108 11.62 10.22 0.14
N PRO A 109 10.43 10.13 0.75
CA PRO A 109 10.00 11.10 1.77
C PRO A 109 10.55 10.90 3.20
N SER A 110 11.86 10.67 3.31
CA SER A 110 12.56 10.80 4.57
C SER A 110 13.99 11.24 4.32
N LEU A 111 14.69 11.60 5.41
CA LEU A 111 16.12 11.82 5.37
C LEU A 111 16.82 10.46 5.54
N LEU A 112 17.09 9.79 4.41
CA LEU A 112 17.83 8.52 4.45
C LEU A 112 19.15 8.76 5.16
N PRO A 113 19.67 7.79 5.91
CA PRO A 113 19.10 6.43 6.02
C PRO A 113 17.93 6.18 6.99
N SER A 114 17.38 7.21 7.62
CA SER A 114 16.19 7.01 8.44
C SER A 114 14.97 6.69 7.60
N PHE A 115 14.10 5.83 8.14
CA PHE A 115 12.77 5.59 7.62
C PHE A 115 12.76 5.14 6.16
N LYS A 116 13.50 4.08 5.88
CA LYS A 116 13.40 3.38 4.60
C LYS A 116 12.03 2.74 4.52
N GLY A 117 11.58 2.45 3.30
CA GLY A 117 10.28 1.81 3.08
C GLY A 117 9.21 2.81 2.69
N SER A 118 8.06 2.29 2.28
CA SER A 118 6.94 3.07 1.72
C SER A 118 6.08 3.84 2.73
N ASN A 119 6.22 3.55 4.02
CA ASN A 119 5.41 4.26 5.01
C ASN A 119 6.29 5.17 5.90
N ALA A 120 7.10 6.02 5.30
CA ALA A 120 8.10 6.77 6.06
C ALA A 120 7.48 7.76 7.04
N HIS A 121 6.39 8.42 6.63
CA HIS A 121 5.69 9.35 7.50
C HIS A 121 5.16 8.65 8.73
N GLU A 122 4.52 7.52 8.52
CA GLU A 122 4.06 6.70 9.64
C GLU A 122 5.21 6.36 10.60
N GLN A 123 6.37 5.98 10.06
CA GLN A 123 7.54 5.70 10.89
C GLN A 123 8.03 6.94 11.64
N ALA A 124 8.03 8.09 10.95
CA ALA A 124 8.53 9.32 11.54
C ALA A 124 7.66 9.75 12.71
N LEU A 125 6.35 9.72 12.50
CA LEU A 125 5.38 10.08 13.54
C LEU A 125 5.47 9.18 14.75
N GLU A 126 5.60 7.88 14.50
CA GLU A 126 5.72 6.90 15.58
C GLU A 126 7.03 7.07 16.37
N THR A 127 8.10 7.43 15.67
CA THR A 127 9.41 7.57 16.31
C THR A 127 9.51 8.88 17.10
N GLY A 128 8.83 9.92 16.64
CA GLY A 128 8.75 11.16 17.40
C GLY A 128 9.83 12.16 17.03
N VAL A 129 10.40 12.00 15.85
CA VAL A 129 11.32 13.02 15.35
C VAL A 129 10.59 14.38 15.24
N THR A 130 11.34 15.46 15.42
CA THR A 130 10.82 16.80 15.16
C THR A 130 11.31 17.28 13.79
N VAL A 131 12.25 16.55 13.20
CA VAL A 131 12.77 16.87 11.90
C VAL A 131 12.77 15.64 11.00
N THR A 132 12.13 15.77 9.85
CA THR A 132 12.22 14.73 8.85
C THR A 132 12.63 15.44 7.55
N GLY A 133 12.31 14.88 6.40
CA GLY A 133 12.68 15.52 5.15
C GLY A 133 12.44 14.61 3.97
N CYS A 134 13.14 14.87 2.87
CA CYS A 134 13.10 14.02 1.69
C CYS A 134 14.48 13.87 1.08
N THR A 135 14.62 12.87 0.22
CA THR A 135 15.90 12.48 -0.36
C THR A 135 15.72 12.08 -1.82
N VAL A 136 16.58 12.61 -2.67
CA VAL A 136 16.71 12.10 -4.02
C VAL A 136 17.96 11.26 -4.02
N HIS A 137 17.84 10.01 -4.47
CA HIS A 137 19.01 9.14 -4.54
C HIS A 137 19.03 8.35 -5.85
N PHE A 138 20.24 7.95 -6.25
CA PHE A 138 20.38 6.99 -7.32
C PHE A 138 19.79 5.68 -6.81
N VAL A 139 19.19 4.91 -7.71
CA VAL A 139 18.55 3.67 -7.31
C VAL A 139 19.58 2.56 -7.34
N ALA A 140 19.74 1.90 -6.19
CA ALA A 140 20.52 0.66 -6.10
C ALA A 140 19.57 -0.50 -5.84
N GLU A 141 20.09 -1.72 -5.99
CA GLU A 141 19.31 -2.93 -5.73
C GLU A 141 18.74 -2.97 -4.32
N ASP A 142 19.61 -2.64 -3.37
CA ASP A 142 19.21 -2.41 -1.99
C ASP A 142 18.21 -1.26 -1.93
N VAL A 143 17.02 -1.52 -1.41
CA VAL A 143 15.92 -0.56 -1.46
C VAL A 143 16.21 0.67 -0.60
N ASP A 144 15.99 1.86 -1.16
CA ASP A 144 16.20 3.12 -0.47
C ASP A 144 17.62 3.23 0.10
N ALA A 145 18.60 2.66 -0.60
CA ALA A 145 19.98 2.67 -0.09
C ALA A 145 21.01 3.14 -1.13
N GLY A 146 20.55 3.58 -2.30
CA GLY A 146 21.46 4.06 -3.33
C GLY A 146 22.07 5.39 -2.91
N GLN A 147 23.01 5.88 -3.71
CA GLN A 147 23.78 7.06 -3.32
C GLN A 147 22.95 8.34 -3.34
N ILE A 148 23.12 9.14 -2.29
CA ILE A 148 22.31 10.33 -2.05
C ILE A 148 22.77 11.50 -2.94
N ILE A 149 21.83 12.12 -3.64
CA ILE A 149 22.15 13.31 -4.44
C ILE A 149 21.82 14.59 -3.67
N LEU A 150 20.56 14.74 -3.26
CA LEU A 150 20.13 15.91 -2.49
C LEU A 150 19.21 15.47 -1.39
N GLN A 151 19.11 16.32 -0.37
CA GLN A 151 18.17 16.13 0.75
C GLN A 151 17.69 17.51 1.19
N GLU A 152 16.53 17.55 1.83
CA GLU A 152 15.98 18.78 2.38
C GLU A 152 15.25 18.41 3.66
N ALA A 153 15.57 19.11 4.73
CA ALA A 153 14.96 18.88 6.03
C ALA A 153 13.62 19.60 6.08
N VAL A 154 12.66 18.98 6.77
CA VAL A 154 11.30 19.50 6.92
C VAL A 154 10.90 19.27 8.38
N PRO A 155 10.38 20.29 9.06
CA PRO A 155 9.94 20.13 10.45
C PRO A 155 8.69 19.24 10.57
N VAL A 156 8.59 18.53 11.70
CA VAL A 156 7.35 17.89 12.09
C VAL A 156 6.69 18.81 13.12
N LYS A 157 5.44 19.19 12.84
CA LYS A 157 4.65 19.99 13.78
C LYS A 157 3.90 19.10 14.79
N ARG A 158 3.77 19.61 16.00
CA ARG A 158 2.94 18.94 17.02
C ARG A 158 1.53 18.74 16.44
N GLY A 159 1.01 17.53 16.56
CA GLY A 159 -0.32 17.22 16.07
C GLY A 159 -0.44 16.92 14.57
N ASP A 160 0.70 16.78 13.89
CA ASP A 160 0.73 16.31 12.51
C ASP A 160 0.05 14.96 12.38
N THR A 161 -0.62 14.75 11.24
CA THR A 161 -1.00 13.42 10.82
C THR A 161 -0.09 13.02 9.66
N VAL A 162 -0.24 11.79 9.18
CA VAL A 162 0.46 11.33 7.98
C VAL A 162 0.15 12.31 6.84
N ALA A 163 -1.12 12.66 6.68
CA ALA A 163 -1.55 13.60 5.64
C ALA A 163 -0.92 15.01 5.73
N THR A 164 -0.93 15.64 6.91
CA THR A 164 -0.36 16.99 6.99
C THR A 164 1.17 16.99 6.83
N LEU A 165 1.84 16.01 7.43
CA LEU A 165 3.28 15.87 7.29
C LEU A 165 3.62 15.53 5.84
N SER A 166 2.85 14.62 5.26
CA SER A 166 3.06 14.22 3.87
C SER A 166 3.01 15.43 2.93
N GLU A 167 2.03 16.33 3.13
CA GLU A 167 1.91 17.51 2.28
C GLU A 167 3.09 18.46 2.47
N ARG A 168 3.56 18.58 3.71
CA ARG A 168 4.67 19.48 3.97
C ARG A 168 5.93 18.95 3.27
N VAL A 169 6.16 17.64 3.38
CA VAL A 169 7.33 17.02 2.74
C VAL A 169 7.28 17.05 1.19
N LYS A 170 6.10 16.83 0.62
CA LYS A 170 5.89 17.01 -0.82
C LYS A 170 6.38 18.38 -1.31
N LEU A 171 6.11 19.44 -0.56
CA LEU A 171 6.55 20.79 -0.97
C LEU A 171 8.07 20.84 -1.16
N ALA A 172 8.81 20.15 -0.29
CA ALA A 172 10.25 20.03 -0.40
C ALA A 172 10.67 19.09 -1.53
N GLU A 173 9.94 17.99 -1.70
CA GLU A 173 10.19 17.08 -2.81
C GLU A 173 10.14 17.80 -4.16
N HIS A 174 9.16 18.68 -4.31
CA HIS A 174 8.94 19.36 -5.58
C HIS A 174 10.10 20.33 -5.87
N LYS A 175 10.96 20.59 -4.89
CA LYS A 175 12.12 21.44 -5.14
C LYS A 175 13.36 20.59 -5.49
N ILE A 176 13.69 19.60 -4.66
CA ILE A 176 14.94 18.86 -4.84
C ILE A 176 14.87 17.84 -5.97
N PHE A 177 13.72 17.27 -6.24
CA PHE A 177 13.66 16.30 -7.32
C PHE A 177 14.04 16.96 -8.67
N PRO A 178 13.41 18.08 -9.04
CA PRO A 178 13.81 18.81 -10.25
C PRO A 178 15.24 19.32 -10.23
N ALA A 179 15.73 19.80 -9.09
CA ALA A 179 17.12 20.24 -9.02
C ALA A 179 18.07 19.07 -9.25
N ALA A 180 17.73 17.89 -8.71
CA ALA A 180 18.60 16.71 -8.82
C ALA A 180 18.60 16.14 -10.25
N LEU A 181 17.43 16.11 -10.88
CA LEU A 181 17.37 15.71 -12.27
C LEU A 181 18.28 16.58 -13.13
N GLN A 182 18.22 17.89 -12.89
CA GLN A 182 19.06 18.84 -13.63
C GLN A 182 20.55 18.61 -13.37
N LEU A 183 20.90 18.20 -12.14
CA LEU A 183 22.29 17.90 -11.80
C LEU A 183 22.81 16.69 -12.61
N VAL A 184 22.00 15.65 -12.69
CA VAL A 184 22.38 14.45 -13.43
C VAL A 184 22.32 14.70 -14.93
N ALA A 185 21.21 15.28 -15.41
CA ALA A 185 21.06 15.55 -16.85
C ALA A 185 22.15 16.47 -17.43
N SER A 186 22.70 17.36 -16.63
CA SER A 186 23.79 18.18 -17.13
C SER A 186 25.11 17.44 -16.83
N GLY A 187 26.23 18.09 -17.00
CA GLY A 187 27.45 17.43 -16.55
C GLY A 187 27.47 16.98 -15.07
N THR A 188 26.68 17.66 -14.23
CA THR A 188 27.15 18.05 -12.90
C THR A 188 27.43 16.98 -11.83
N VAL A 189 26.54 16.00 -11.73
CA VAL A 189 26.65 14.95 -10.73
C VAL A 189 26.54 13.61 -11.46
N GLN A 190 27.42 12.68 -11.12
CA GLN A 190 27.32 11.32 -11.62
C GLN A 190 27.65 10.32 -10.52
N LEU A 191 27.19 9.08 -10.70
CA LEU A 191 27.70 7.95 -9.97
C LEU A 191 29.08 7.60 -10.53
N GLY A 192 30.13 7.83 -9.75
CA GLY A 192 31.49 7.58 -10.20
C GLY A 192 31.85 6.10 -10.35
N GLU A 193 33.10 5.82 -10.72
CA GLU A 193 33.58 4.44 -10.85
C GLU A 193 33.56 3.70 -9.51
N ASN A 194 34.07 4.36 -8.48
CA ASN A 194 34.16 3.79 -7.12
C ASN A 194 32.80 3.66 -6.39
N GLY A 195 31.71 3.74 -7.15
CA GLY A 195 30.36 3.59 -6.63
C GLY A 195 29.87 4.76 -5.79
N LYS A 196 30.64 5.84 -5.78
CA LYS A 196 30.33 7.01 -4.93
C LYS A 196 29.84 8.20 -5.75
N ILE A 197 29.13 9.11 -5.09
CA ILE A 197 28.64 10.33 -5.73
C ILE A 197 29.80 11.27 -6.07
N CYS A 198 29.88 11.67 -7.32
CA CYS A 198 30.97 12.51 -7.76
C CYS A 198 30.44 13.79 -8.39
N TRP A 199 30.91 14.93 -7.90
CA TRP A 199 30.58 16.22 -8.50
C TRP A 199 31.72 16.61 -9.42
N VAL A 200 31.46 16.56 -10.73
CA VAL A 200 32.49 16.82 -11.75
C VAL A 200 33.08 18.23 -11.61
N ALA B 1 -21.27 -14.87 -4.53
CA ALA B 1 -21.60 -14.44 -3.15
C ALA B 1 -21.48 -12.94 -3.01
N ARG B 2 -22.42 -12.36 -2.28
CA ARG B 2 -22.49 -10.92 -2.03
C ARG B 2 -21.82 -10.61 -0.70
N VAL B 3 -20.89 -9.65 -0.72
CA VAL B 3 -20.01 -9.43 0.43
C VAL B 3 -20.15 -8.03 1.02
N ALA B 4 -20.21 -7.96 2.35
CA ALA B 4 -20.09 -6.71 3.09
C ALA B 4 -18.74 -6.64 3.79
N VAL B 5 -18.10 -5.48 3.73
CA VAL B 5 -16.84 -5.26 4.45
C VAL B 5 -17.07 -4.29 5.61
N LEU B 6 -16.76 -4.74 6.83
CA LEU B 6 -16.89 -3.86 8.01
C LEU B 6 -15.54 -3.28 8.36
N ILE B 7 -15.50 -1.97 8.58
CA ILE B 7 -14.25 -1.27 8.87
C ILE B 7 -14.40 -0.36 10.08
N SER B 8 -13.27 0.08 10.63
CA SER B 8 -13.26 1.09 11.69
C SER B 8 -12.28 2.24 11.39
N GLY B 9 -11.30 1.98 10.52
CA GLY B 9 -10.30 2.97 10.17
C GLY B 9 -9.97 3.06 8.69
N THR B 10 -8.72 2.79 8.35
CA THR B 10 -8.22 3.07 7.01
C THR B 10 -8.74 2.06 5.98
N GLY B 11 -9.39 1.00 6.46
CA GLY B 11 -9.87 -0.06 5.59
C GLY B 11 -8.71 -0.71 4.86
N SER B 12 -7.64 -0.99 5.62
CA SER B 12 -6.55 -1.85 5.16
C SER B 12 -7.13 -3.11 4.59
N ASN B 13 -6.68 -3.49 3.39
CA ASN B 13 -7.11 -4.73 2.74
C ASN B 13 -8.39 -4.58 1.92
N LEU B 14 -9.12 -3.49 2.11
CA LEU B 14 -10.33 -3.24 1.33
C LEU B 14 -10.04 -3.18 -0.17
N GLN B 15 -9.01 -2.43 -0.59
CA GLN B 15 -8.68 -2.34 -2.01
C GLN B 15 -8.27 -3.69 -2.61
N ALA B 16 -7.42 -4.41 -1.89
CA ALA B 16 -7.02 -5.77 -2.27
C ALA B 16 -8.27 -6.64 -2.45
N LEU B 17 -9.23 -6.52 -1.53
CA LEU B 17 -10.46 -7.31 -1.61
C LEU B 17 -11.29 -6.89 -2.83
N ILE B 18 -11.43 -5.58 -3.04
CA ILE B 18 -12.16 -5.06 -4.19
C ILE B 18 -11.55 -5.56 -5.50
N ASP B 19 -10.24 -5.35 -5.66
CA ASP B 19 -9.54 -5.73 -6.90
C ASP B 19 -9.71 -7.21 -7.19
N SER B 20 -9.59 -8.03 -6.15
CA SER B 20 -9.78 -9.46 -6.29
C SER B 20 -11.19 -9.83 -6.75
N THR B 21 -12.22 -9.25 -6.17
CA THR B 21 -13.59 -9.57 -6.58
C THR B 21 -13.93 -9.05 -7.97
N ARG B 22 -13.09 -8.17 -8.51
CA ARG B 22 -13.35 -7.63 -9.85
C ARG B 22 -12.60 -8.35 -10.98
N GLU B 23 -11.77 -9.32 -10.60
CA GLU B 23 -11.11 -10.21 -11.55
C GLU B 23 -12.16 -11.19 -12.11
N PRO B 24 -11.96 -11.71 -13.32
CA PRO B 24 -13.04 -12.46 -14.00
C PRO B 24 -13.47 -13.79 -13.31
N ASN B 25 -12.51 -14.53 -12.75
CA ASN B 25 -12.83 -15.80 -12.08
C ASN B 25 -13.46 -15.66 -10.68
N SER B 26 -13.90 -14.45 -10.33
CA SER B 26 -14.30 -14.17 -8.95
C SER B 26 -15.63 -14.83 -8.59
N SER B 27 -15.75 -15.27 -7.34
CA SER B 27 -17.00 -15.85 -6.85
C SER B 27 -17.69 -14.88 -5.92
N ALA B 28 -17.10 -13.69 -5.79
CA ALA B 28 -17.55 -12.70 -4.81
C ALA B 28 -17.68 -11.30 -5.42
N GLN B 29 -18.54 -10.48 -4.82
CA GLN B 29 -18.65 -9.07 -5.16
C GLN B 29 -18.79 -8.28 -3.86
N ILE B 30 -18.15 -7.12 -3.78
CA ILE B 30 -18.30 -6.29 -2.61
C ILE B 30 -19.42 -5.27 -2.83
N ASP B 31 -20.51 -5.46 -2.11
CA ASP B 31 -21.73 -4.71 -2.37
C ASP B 31 -21.92 -3.54 -1.40
N ILE B 32 -21.18 -3.56 -0.29
CA ILE B 32 -21.31 -2.52 0.72
C ILE B 32 -20.14 -2.52 1.70
N VAL B 33 -19.81 -1.33 2.16
CA VAL B 33 -18.79 -1.14 3.17
C VAL B 33 -19.45 -0.40 4.34
N ILE B 34 -19.40 -1.00 5.53
CA ILE B 34 -19.95 -0.40 6.75
C ILE B 34 -18.84 0.00 7.73
N SER B 35 -18.89 1.25 8.19
CA SER B 35 -17.96 1.70 9.23
C SER B 35 -18.71 2.05 10.51
N ASN B 36 -18.05 1.86 11.66
CA ASN B 36 -18.62 2.32 12.92
C ASN B 36 -18.15 3.72 13.32
N LYS B 37 -17.21 4.26 12.55
CA LYS B 37 -16.71 5.62 12.73
C LYS B 37 -16.92 6.44 11.44
N ALA B 38 -17.44 7.66 11.58
CA ALA B 38 -17.61 8.54 10.43
C ALA B 38 -16.26 9.10 9.93
N ALA B 39 -16.23 9.43 8.64
CA ALA B 39 -15.14 10.20 8.04
C ALA B 39 -13.80 9.51 8.02
N VAL B 40 -13.81 8.19 8.21
CA VAL B 40 -12.58 7.41 8.17
C VAL B 40 -12.17 7.13 6.73
N ALA B 41 -10.88 6.85 6.52
CA ALA B 41 -10.31 6.80 5.18
C ALA B 41 -10.82 5.61 4.36
N GLY B 42 -11.29 4.58 5.06
CA GLY B 42 -11.83 3.39 4.41
C GLY B 42 -13.11 3.67 3.67
N LEU B 43 -13.89 4.65 4.15
CA LEU B 43 -15.11 5.04 3.50
C LEU B 43 -14.79 5.74 2.16
N ASP B 44 -13.76 6.57 2.16
CA ASP B 44 -13.32 7.26 0.96
C ASP B 44 -12.84 6.26 -0.11
N LYS B 45 -12.13 5.22 0.31
CA LYS B 45 -11.74 4.11 -0.56
C LYS B 45 -12.94 3.43 -1.22
N ALA B 46 -13.93 3.13 -0.39
CA ALA B 46 -15.18 2.53 -0.83
C ALA B 46 -15.93 3.41 -1.83
N GLU B 47 -16.10 4.69 -1.49
CA GLU B 47 -16.77 5.66 -2.37
C GLU B 47 -16.00 5.84 -3.68
N ARG B 48 -14.67 5.85 -3.61
CA ARG B 48 -13.84 5.92 -4.81
C ARG B 48 -14.05 4.71 -5.74
N ALA B 49 -14.26 3.55 -5.13
CA ALA B 49 -14.50 2.31 -5.87
C ALA B 49 -15.95 2.20 -6.32
N GLY B 50 -16.76 3.21 -6.01
CA GLY B 50 -18.16 3.20 -6.36
C GLY B 50 -18.95 2.11 -5.65
N ILE B 51 -18.66 1.91 -4.38
CA ILE B 51 -19.39 0.95 -3.55
C ILE B 51 -20.21 1.72 -2.50
N PRO B 52 -21.50 1.39 -2.36
CA PRO B 52 -22.36 2.05 -1.37
C PRO B 52 -21.78 1.95 0.05
N THR B 53 -22.00 2.99 0.86
CA THR B 53 -21.47 3.05 2.22
C THR B 53 -22.55 3.33 3.23
N ARG B 54 -22.34 2.85 4.46
CA ARG B 54 -23.18 3.24 5.60
C ARG B 54 -22.32 3.45 6.85
N VAL B 55 -22.71 4.39 7.69
CA VAL B 55 -22.06 4.58 8.97
C VAL B 55 -23.02 4.20 10.11
N ILE B 56 -22.57 3.27 10.97
CA ILE B 56 -23.35 2.85 12.13
C ILE B 56 -22.55 3.09 13.41
N ASN B 57 -22.89 4.20 14.07
CA ASN B 57 -22.13 4.71 15.21
C ASN B 57 -22.38 3.90 16.49
N HIS B 58 -21.42 3.04 16.85
CA HIS B 58 -21.55 2.20 18.05
C HIS B 58 -21.80 3.02 19.32
N LYS B 59 -21.22 4.21 19.38
CA LYS B 59 -21.35 5.12 20.52
C LYS B 59 -22.76 5.72 20.68
N LEU B 60 -23.68 5.37 19.79
CA LEU B 60 -25.08 5.79 19.90
C LEU B 60 -25.99 4.67 20.45
N TYR B 61 -25.41 3.49 20.66
CA TYR B 61 -26.20 2.31 21.07
C TYR B 61 -26.00 1.87 22.51
N LYS B 62 -27.09 1.38 23.12
CA LYS B 62 -27.11 0.87 24.50
C LYS B 62 -26.04 -0.18 24.81
N ASN B 63 -25.92 -1.18 23.94
CA ASN B 63 -24.98 -2.29 24.11
C ASN B 63 -24.58 -2.92 22.78
N ARG B 64 -23.68 -3.91 22.82
CA ARG B 64 -23.23 -4.64 21.63
C ARG B 64 -24.38 -5.22 20.81
N VAL B 65 -25.31 -5.89 21.50
CA VAL B 65 -26.43 -6.57 20.86
C VAL B 65 -27.26 -5.63 19.98
N GLU B 66 -27.60 -4.46 20.52
CA GLU B 66 -28.40 -3.47 19.81
C GLU B 66 -27.64 -2.85 18.63
N PHE B 67 -26.33 -2.64 18.82
CA PHE B 67 -25.46 -2.12 17.78
C PHE B 67 -25.29 -3.14 16.65
N ASP B 68 -25.12 -4.41 17.02
CA ASP B 68 -24.98 -5.51 16.06
C ASP B 68 -26.25 -5.76 15.24
N SER B 69 -27.41 -5.64 15.89
CA SER B 69 -28.72 -5.78 15.22
C SER B 69 -28.90 -4.73 14.13
N ALA B 70 -28.45 -3.52 14.40
CA ALA B 70 -28.51 -2.42 13.45
C ALA B 70 -27.63 -2.72 12.22
N ILE B 71 -26.47 -3.34 12.45
CA ILE B 71 -25.62 -3.80 11.35
C ILE B 71 -26.33 -4.87 10.53
N ASP B 72 -26.91 -5.84 11.22
CA ASP B 72 -27.55 -6.98 10.56
C ASP B 72 -28.76 -6.55 9.72
N LEU B 73 -29.44 -5.49 10.17
CA LEU B 73 -30.52 -4.86 9.40
C LEU B 73 -30.01 -4.43 8.02
N VAL B 74 -28.88 -3.73 8.02
CA VAL B 74 -28.29 -3.24 6.77
C VAL B 74 -27.83 -4.44 5.91
N LEU B 75 -27.22 -5.43 6.55
CA LEU B 75 -26.78 -6.65 5.86
C LEU B 75 -27.92 -7.41 5.18
N GLU B 76 -29.08 -7.47 5.85
CA GLU B 76 -30.32 -8.05 5.29
C GLU B 76 -30.80 -7.26 4.07
N GLU B 77 -30.83 -5.93 4.22
CA GLU B 77 -31.24 -4.99 3.17
C GLU B 77 -30.47 -5.24 1.88
N PHE B 78 -29.17 -5.51 2.02
CA PHE B 78 -28.30 -5.71 0.87
C PHE B 78 -28.15 -7.18 0.46
N SER B 79 -28.93 -8.05 1.10
CA SER B 79 -28.92 -9.51 0.83
C SER B 79 -27.49 -10.10 0.84
N ILE B 80 -26.75 -9.78 1.89
CA ILE B 80 -25.34 -10.16 2.00
C ILE B 80 -25.20 -11.65 2.39
N ASP B 81 -24.31 -12.35 1.68
CA ASP B 81 -23.99 -13.74 1.98
C ASP B 81 -22.79 -13.85 2.93
N ILE B 82 -21.76 -13.04 2.69
CA ILE B 82 -20.50 -13.12 3.43
C ILE B 82 -20.05 -11.78 4.01
N VAL B 83 -19.55 -11.80 5.25
CA VAL B 83 -18.99 -10.60 5.88
C VAL B 83 -17.47 -10.71 6.06
N CYS B 84 -16.76 -9.66 5.67
CA CYS B 84 -15.32 -9.55 5.92
C CYS B 84 -15.04 -8.43 6.89
N LEU B 85 -14.26 -8.73 7.92
CA LEU B 85 -13.83 -7.69 8.86
C LEU B 85 -12.45 -7.24 8.39
N ALA B 86 -12.34 -5.97 8.06
CA ALA B 86 -11.07 -5.38 7.61
C ALA B 86 -10.72 -4.23 8.55
N GLY B 87 -9.96 -4.52 9.60
CA GLY B 87 -9.67 -3.52 10.61
C GLY B 87 -10.87 -3.04 11.41
N PHE B 88 -11.92 -3.86 11.47
CA PHE B 88 -13.08 -3.61 12.35
C PHE B 88 -12.66 -3.85 13.79
N MET B 89 -13.01 -2.92 14.68
CA MET B 89 -12.42 -2.87 16.02
C MET B 89 -13.42 -3.13 17.13
N ARG B 90 -14.67 -3.40 16.75
CA ARG B 90 -15.68 -3.80 17.72
C ARG B 90 -15.80 -5.32 17.82
N ILE B 91 -15.62 -5.83 19.04
CA ILE B 91 -15.95 -7.21 19.35
C ILE B 91 -17.46 -7.40 19.16
N LEU B 92 -17.83 -8.41 18.38
CA LEU B 92 -19.23 -8.67 18.06
C LEU B 92 -19.86 -9.60 19.09
N SER B 93 -21.16 -9.41 19.32
CA SER B 93 -21.93 -10.15 20.31
C SER B 93 -22.18 -11.59 19.86
N GLY B 94 -22.49 -12.46 20.82
CA GLY B 94 -22.79 -13.86 20.57
C GLY B 94 -23.82 -14.18 19.49
N PRO B 95 -25.02 -13.58 19.56
CA PRO B 95 -26.05 -13.80 18.53
C PRO B 95 -25.67 -13.37 17.11
N PHE B 96 -25.00 -12.24 16.94
CA PHE B 96 -24.58 -11.80 15.60
C PHE B 96 -23.58 -12.82 15.05
N VAL B 97 -22.61 -13.16 15.89
CA VAL B 97 -21.57 -14.16 15.58
C VAL B 97 -22.15 -15.53 15.22
N GLN B 98 -23.15 -15.97 16.00
CA GLN B 98 -23.85 -17.23 15.79
C GLN B 98 -24.61 -17.25 14.46
N LYS B 99 -25.31 -16.16 14.16
CA LYS B 99 -26.09 -16.06 12.94
C LYS B 99 -25.17 -16.08 11.70
N TRP B 100 -24.01 -15.43 11.80
CA TRP B 100 -23.09 -15.33 10.65
C TRP B 100 -21.98 -16.40 10.63
N ASN B 101 -22.16 -17.43 11.46
CA ASN B 101 -21.22 -18.56 11.61
C ASN B 101 -20.93 -19.21 10.28
N GLY B 102 -19.64 -19.31 9.95
CA GLY B 102 -19.23 -19.88 8.68
C GLY B 102 -19.33 -18.91 7.52
N LYS B 103 -19.74 -17.67 7.78
CA LYS B 103 -19.92 -16.69 6.71
C LYS B 103 -19.20 -15.36 6.98
N MET B 104 -18.44 -15.32 8.07
CA MET B 104 -17.78 -14.09 8.46
C MET B 104 -16.28 -14.32 8.65
N LEU B 105 -15.46 -13.55 7.95
CA LEU B 105 -14.00 -13.68 8.09
C LEU B 105 -13.32 -12.46 8.71
N ASN B 106 -12.19 -12.71 9.36
CA ASN B 106 -11.35 -11.66 9.91
C ASN B 106 -9.90 -11.87 9.50
N ILE B 107 -9.15 -10.77 9.37
CA ILE B 107 -7.70 -10.82 9.24
C ILE B 107 -7.05 -10.34 10.54
N HIS B 108 -6.13 -11.16 11.05
CA HIS B 108 -5.35 -10.84 12.21
C HIS B 108 -3.86 -10.81 11.87
N PRO B 109 -3.15 -9.75 12.28
CA PRO B 109 -1.73 -9.58 11.91
C PRO B 109 -0.74 -10.35 12.81
N SER B 110 -1.03 -11.62 13.02
CA SER B 110 -0.08 -12.54 13.64
C SER B 110 -0.38 -13.93 13.13
N LEU B 111 0.54 -14.85 13.38
CA LEU B 111 0.30 -16.28 13.20
C LEU B 111 -0.36 -16.86 14.46
N LEU B 112 -1.69 -16.83 14.47
CA LEU B 112 -2.50 -17.39 15.55
C LEU B 112 -2.11 -18.85 15.74
N PRO B 113 -2.10 -19.38 16.96
CA PRO B 113 -2.61 -18.69 18.17
C PRO B 113 -1.63 -17.77 18.93
N SER B 114 -0.47 -17.43 18.37
CA SER B 114 0.39 -16.40 18.98
C SER B 114 -0.24 -15.03 18.87
N PHE B 115 0.00 -14.19 19.88
CA PHE B 115 -0.31 -12.75 19.85
C PHE B 115 -1.76 -12.42 19.49
N LYS B 116 -2.67 -13.03 20.23
CA LYS B 116 -4.08 -12.65 20.18
C LYS B 116 -4.24 -11.21 20.68
N GLY B 117 -5.22 -10.48 20.16
CA GLY B 117 -5.50 -9.13 20.63
C GLY B 117 -5.04 -8.09 19.62
N SER B 118 -5.31 -6.81 19.89
CA SER B 118 -5.21 -5.74 18.87
C SER B 118 -3.83 -5.09 18.69
N ASN B 119 -2.85 -5.54 19.46
CA ASN B 119 -1.50 -5.00 19.37
C ASN B 119 -0.50 -6.10 19.07
N ALA B 120 -0.83 -6.96 18.12
CA ALA B 120 0.00 -8.12 17.81
C ALA B 120 1.45 -7.74 17.45
N HIS B 121 1.65 -6.64 16.73
CA HIS B 121 3.00 -6.23 16.35
C HIS B 121 3.89 -5.90 17.54
N GLU B 122 3.34 -5.10 18.46
CA GLU B 122 4.05 -4.76 19.69
C GLU B 122 4.40 -6.05 20.47
N GLN B 123 3.46 -6.99 20.51
CA GLN B 123 3.71 -8.26 21.21
C GLN B 123 4.84 -9.05 20.54
N ALA B 124 4.78 -9.16 19.21
CA ALA B 124 5.80 -9.88 18.43
C ALA B 124 7.21 -9.32 18.69
N LEU B 125 7.33 -7.99 18.66
CA LEU B 125 8.60 -7.30 18.92
C LEU B 125 9.08 -7.44 20.36
N GLU B 126 8.18 -7.27 21.33
CA GLU B 126 8.53 -7.45 22.73
C GLU B 126 9.03 -8.88 23.01
N THR B 127 8.37 -9.87 22.41
CA THR B 127 8.75 -11.29 22.53
C THR B 127 10.06 -11.70 21.82
N GLY B 128 10.38 -11.01 20.72
CA GLY B 128 11.65 -11.23 20.04
C GLY B 128 11.61 -12.37 19.03
N VAL B 129 10.43 -12.67 18.48
CA VAL B 129 10.31 -13.67 17.43
C VAL B 129 11.03 -13.14 16.17
N THR B 130 11.54 -14.04 15.34
CA THR B 130 12.14 -13.61 14.07
C THR B 130 11.17 -13.90 12.95
N VAL B 131 10.12 -14.65 13.27
CA VAL B 131 9.05 -14.96 12.32
C VAL B 131 7.69 -14.61 12.91
N THR B 132 6.94 -13.78 12.20
CA THR B 132 5.55 -13.56 12.56
C THR B 132 4.72 -13.81 11.28
N GLY B 133 3.58 -13.15 11.12
CA GLY B 133 2.77 -13.37 9.93
C GLY B 133 1.34 -12.85 10.07
N CYS B 134 0.43 -13.37 9.26
CA CYS B 134 -0.96 -12.99 9.37
C CYS B 134 -1.86 -14.23 9.24
N THR B 135 -3.11 -14.09 9.68
CA THR B 135 -4.07 -15.18 9.73
C THR B 135 -5.44 -14.69 9.31
N VAL B 136 -6.04 -15.37 8.32
CA VAL B 136 -7.46 -15.22 8.04
C VAL B 136 -8.18 -16.40 8.69
N HIS B 137 -9.20 -16.08 9.47
CA HIS B 137 -9.94 -17.10 10.19
C HIS B 137 -11.42 -16.73 10.19
N PHE B 138 -12.28 -17.74 10.29
CA PHE B 138 -13.68 -17.49 10.59
C PHE B 138 -13.78 -16.82 11.96
N VAL B 139 -14.74 -15.93 12.10
CA VAL B 139 -14.99 -15.28 13.38
C VAL B 139 -15.82 -16.21 14.30
N ALA B 140 -15.32 -16.43 15.52
CA ALA B 140 -16.07 -17.11 16.58
C ALA B 140 -16.29 -16.16 17.77
N GLU B 141 -17.09 -16.58 18.74
CA GLU B 141 -17.29 -15.80 19.95
C GLU B 141 -15.97 -15.41 20.65
N ASP B 142 -15.15 -16.39 21.03
CA ASP B 142 -13.82 -16.11 21.57
C ASP B 142 -12.98 -15.37 20.52
N VAL B 143 -12.49 -14.20 20.91
CA VAL B 143 -11.75 -13.31 20.04
C VAL B 143 -10.51 -14.01 19.46
N ASP B 144 -10.28 -13.83 18.15
CA ASP B 144 -9.12 -14.38 17.44
C ASP B 144 -8.91 -15.88 17.65
N ALA B 145 -10.01 -16.63 17.75
CA ALA B 145 -9.90 -18.05 18.08
C ALA B 145 -10.70 -18.95 17.17
N GLY B 146 -11.33 -18.36 16.14
CA GLY B 146 -12.12 -19.09 15.17
C GLY B 146 -11.23 -19.87 14.22
N GLN B 147 -11.84 -20.69 13.37
CA GLN B 147 -11.08 -21.65 12.57
C GLN B 147 -10.23 -20.96 11.52
N ILE B 148 -8.99 -21.41 11.42
CA ILE B 148 -8.03 -20.80 10.55
C ILE B 148 -8.25 -21.25 9.10
N ILE B 149 -8.29 -20.27 8.20
CA ILE B 149 -8.47 -20.56 6.79
C ILE B 149 -7.09 -20.57 6.11
N LEU B 150 -6.38 -19.45 6.24
CA LEU B 150 -5.07 -19.28 5.61
C LEU B 150 -4.12 -18.53 6.54
N GLN B 151 -2.83 -18.80 6.38
CA GLN B 151 -1.79 -18.09 7.11
C GLN B 151 -0.63 -17.82 6.17
N GLU B 152 0.14 -16.76 6.44
CA GLU B 152 1.40 -16.51 5.73
C GLU B 152 2.45 -15.98 6.71
N ALA B 153 3.61 -16.63 6.71
CA ALA B 153 4.72 -16.25 7.57
C ALA B 153 5.40 -15.01 7.00
N VAL B 154 5.87 -14.14 7.89
CA VAL B 154 6.55 -12.89 7.55
C VAL B 154 7.74 -12.76 8.50
N PRO B 155 8.93 -12.49 7.96
CA PRO B 155 10.13 -12.33 8.80
C PRO B 155 10.09 -11.02 9.59
N VAL B 156 10.67 -11.05 10.79
CA VAL B 156 10.91 -9.85 11.56
C VAL B 156 12.36 -9.47 11.34
N LYS B 157 12.59 -8.23 10.93
CA LYS B 157 13.98 -7.74 10.78
C LYS B 157 14.44 -7.05 12.05
N ARG B 158 15.73 -7.19 12.39
CA ARG B 158 16.31 -6.50 13.53
C ARG B 158 16.20 -4.99 13.30
N GLY B 159 15.77 -4.28 14.34
CA GLY B 159 15.50 -2.85 14.24
C GLY B 159 14.09 -2.53 13.74
N ASP B 160 13.27 -3.55 13.49
CA ASP B 160 11.87 -3.31 13.13
C ASP B 160 11.15 -2.47 14.20
N THR B 161 10.33 -1.54 13.75
CA THR B 161 9.37 -0.86 14.62
C THR B 161 7.97 -1.43 14.27
N VAL B 162 6.97 -1.02 15.04
CA VAL B 162 5.59 -1.44 14.81
C VAL B 162 5.25 -1.06 13.37
N ALA B 163 5.65 0.14 12.97
CA ALA B 163 5.37 0.68 11.63
C ALA B 163 5.99 -0.12 10.47
N THR B 164 7.26 -0.50 10.57
CA THR B 164 7.92 -1.31 9.52
C THR B 164 7.42 -2.73 9.49
N LEU B 165 7.30 -3.37 10.64
CA LEU B 165 6.76 -4.72 10.71
C LEU B 165 5.32 -4.76 10.23
N SER B 166 4.55 -3.77 10.64
CA SER B 166 3.18 -3.63 10.25
C SER B 166 3.04 -3.56 8.72
N GLU B 167 3.90 -2.78 8.08
CA GLU B 167 3.86 -2.64 6.63
C GLU B 167 4.16 -3.96 5.92
N ARG B 168 5.15 -4.69 6.43
CA ARG B 168 5.52 -5.96 5.84
C ARG B 168 4.40 -7.02 5.96
N VAL B 169 3.75 -7.06 7.12
CA VAL B 169 2.66 -8.03 7.34
C VAL B 169 1.45 -7.63 6.46
N LYS B 170 1.21 -6.33 6.36
CA LYS B 170 0.15 -5.80 5.50
C LYS B 170 0.28 -6.34 4.06
N LEU B 171 1.50 -6.39 3.52
CA LEU B 171 1.69 -6.95 2.15
C LEU B 171 1.25 -8.41 2.04
N ALA B 172 1.50 -9.20 3.08
CA ALA B 172 1.03 -10.58 3.12
C ALA B 172 -0.51 -10.65 3.28
N GLU B 173 -1.07 -9.79 4.13
CA GLU B 173 -2.52 -9.67 4.28
C GLU B 173 -3.21 -9.45 2.92
N HIS B 174 -2.65 -8.56 2.11
CA HIS B 174 -3.19 -8.27 0.79
C HIS B 174 -3.23 -9.51 -0.09
N LYS B 175 -2.34 -10.47 0.15
CA LYS B 175 -2.36 -11.73 -0.59
C LYS B 175 -3.43 -12.71 -0.05
N ILE B 176 -3.41 -12.97 1.25
CA ILE B 176 -4.23 -14.06 1.81
C ILE B 176 -5.67 -13.70 2.10
N PHE B 177 -5.96 -12.44 2.37
CA PHE B 177 -7.35 -12.06 2.69
C PHE B 177 -8.26 -12.29 1.45
N PRO B 178 -7.90 -11.78 0.27
CA PRO B 178 -8.69 -12.08 -0.94
C PRO B 178 -8.64 -13.55 -1.33
N ALA B 179 -7.51 -14.24 -1.14
CA ALA B 179 -7.52 -15.66 -1.49
C ALA B 179 -8.51 -16.44 -0.62
N ALA B 180 -8.56 -16.09 0.67
CA ALA B 180 -9.45 -16.74 1.63
C ALA B 180 -10.91 -16.42 1.30
N LEU B 181 -11.17 -15.14 1.00
CA LEU B 181 -12.50 -14.75 0.54
C LEU B 181 -12.95 -15.59 -0.66
N GLN B 182 -12.08 -15.77 -1.65
CA GLN B 182 -12.40 -16.56 -2.84
C GLN B 182 -12.65 -18.04 -2.49
N LEU B 183 -11.86 -18.58 -1.57
CA LEU B 183 -12.05 -19.95 -1.11
C LEU B 183 -13.42 -20.19 -0.46
N VAL B 184 -13.83 -19.26 0.40
CA VAL B 184 -15.11 -19.39 1.08
C VAL B 184 -16.26 -19.09 0.11
N ALA B 185 -16.11 -18.03 -0.69
CA ALA B 185 -17.19 -17.61 -1.60
C ALA B 185 -17.52 -18.65 -2.66
N SER B 186 -16.50 -19.36 -3.14
CA SER B 186 -16.69 -20.37 -4.17
C SER B 186 -17.16 -21.72 -3.59
N GLY B 187 -17.13 -21.85 -2.27
CA GLY B 187 -17.49 -23.07 -1.60
C GLY B 187 -16.38 -24.10 -1.52
N THR B 188 -15.16 -23.72 -1.92
CA THR B 188 -13.99 -24.59 -1.82
C THR B 188 -13.70 -24.92 -0.35
N VAL B 189 -13.82 -23.92 0.50
CA VAL B 189 -13.57 -24.08 1.92
C VAL B 189 -14.86 -23.80 2.66
N GLN B 190 -15.14 -24.62 3.66
CA GLN B 190 -16.33 -24.47 4.44
C GLN B 190 -15.97 -24.72 5.89
N LEU B 191 -16.71 -24.07 6.78
CA LEU B 191 -16.77 -24.50 8.17
C LEU B 191 -17.72 -25.70 8.15
N GLY B 192 -17.20 -26.87 8.48
CA GLY B 192 -17.95 -28.11 8.39
C GLY B 192 -18.85 -28.41 9.58
N GLU B 193 -19.38 -29.64 9.60
CA GLU B 193 -20.28 -30.13 10.65
C GLU B 193 -19.62 -30.15 12.04
N ASN B 194 -18.52 -30.90 12.16
CA ASN B 194 -17.74 -30.97 13.39
C ASN B 194 -17.20 -29.60 13.85
N GLY B 195 -17.34 -28.59 12.97
CA GLY B 195 -16.90 -27.23 13.25
C GLY B 195 -15.47 -27.01 12.80
N LYS B 196 -14.94 -27.94 12.01
CA LYS B 196 -13.55 -27.88 11.53
C LYS B 196 -13.50 -27.30 10.11
N ILE B 197 -12.33 -26.79 9.70
CA ILE B 197 -12.14 -26.34 8.32
C ILE B 197 -12.17 -27.52 7.37
N CYS B 198 -13.12 -27.47 6.45
CA CYS B 198 -13.33 -28.51 5.45
C CYS B 198 -12.96 -28.01 4.06
N TRP B 199 -12.04 -28.72 3.40
CA TRP B 199 -11.74 -28.50 1.99
C TRP B 199 -12.62 -29.45 1.16
N VAL B 200 -13.65 -28.90 0.52
CA VAL B 200 -14.70 -29.70 -0.12
C VAL B 200 -14.13 -30.51 -1.30
#